data_5NRN
#
_entry.id   5NRN
#
_cell.length_a   130.230
_cell.length_b   130.230
_cell.length_c   120.190
_cell.angle_alpha   90.00
_cell.angle_beta   90.00
_cell.angle_gamma   90.00
#
_symmetry.space_group_name_H-M   'P 41 21 2'
#
loop_
_entity.id
_entity.type
_entity.pdbx_description
1 polymer 'Thymidylate kinase'
2 non-polymer 5-methyl-1-[1-[(6-phenoxypyridin-2-yl)methyl]piperidin-4-yl]pyrimidine-2,4-dione
3 non-polymer 'CHLORIDE ION'
4 water water
#
_entity_poly.entity_id   1
_entity_poly.type   'polypeptide(L)'
_entity_poly.pdbx_seq_one_letter_code
;MLIAIEGVDGAGKRTLVEKLSGAFRAAGRSVATLAFPRYGQSVAADIAAEALHGEHGDLASSVYAMATLFALDRAGAVHT
IQGLCRGYDVVILDRYVASNAAYSAARLHENAAGKAAAWVQRIEFARLGLPKPDWQVLLAVSAELAGERSRGRAQRDPGR
ARDNYERDAELQQRTGAVYAELAAQGWGGRWLVVGADVDPGRLAATLAPPDVPS
;
_entity_poly.pdbx_strand_id   A,B
#
loop_
_chem_comp.id
_chem_comp.type
_chem_comp.name
_chem_comp.formula
95W non-polymer 5-methyl-1-[1-[(6-phenoxypyridin-2-yl)methyl]piperidin-4-yl]pyrimidine-2,4-dione 'C22 H24 N4 O3'
CL non-polymer 'CHLORIDE ION' 'Cl -1'
#
# COMPACT_ATOMS: atom_id res chain seq x y z
N MET A 1 -21.43 -15.44 13.45
CA MET A 1 -20.18 -15.65 14.18
C MET A 1 -18.95 -15.67 13.25
N LEU A 2 -17.90 -14.96 13.67
CA LEU A 2 -16.66 -14.81 12.90
C LEU A 2 -15.51 -15.49 13.64
N ILE A 3 -14.90 -16.47 12.98
CA ILE A 3 -13.87 -17.31 13.57
C ILE A 3 -12.63 -17.22 12.69
N ALA A 4 -11.46 -17.02 13.30
CA ALA A 4 -10.19 -17.02 12.59
C ALA A 4 -9.37 -18.22 13.03
N ILE A 5 -8.87 -19.00 12.07
CA ILE A 5 -7.96 -20.10 12.35
C ILE A 5 -6.53 -19.62 12.13
N GLU A 6 -5.65 -19.87 13.10
CA GLU A 6 -4.29 -19.34 13.09
C GLU A 6 -3.30 -20.47 13.36
N GLY A 7 -2.05 -20.23 13.00
CA GLY A 7 -1.00 -21.18 13.27
C GLY A 7 0.10 -21.10 12.23
N VAL A 8 1.13 -21.91 12.45
N VAL A 8 1.23 -21.73 12.54
CA VAL A 8 2.29 -22.00 11.56
CA VAL A 8 2.39 -21.65 11.65
C VAL A 8 2.17 -23.11 10.51
C VAL A 8 2.05 -22.35 10.33
N ASP A 9 1.30 -24.11 10.72
N ASP A 9 2.80 -21.97 9.29
CA ASP A 9 1.17 -25.26 9.83
CA ASP A 9 2.53 -22.53 7.96
C ASP A 9 -0.08 -25.07 8.95
C ASP A 9 2.88 -24.00 7.93
N GLY A 10 0.12 -24.47 7.79
N GLY A 10 1.99 -24.80 7.34
CA GLY A 10 -1.03 -24.09 6.97
CA GLY A 10 2.13 -26.24 7.38
C GLY A 10 -1.75 -25.27 6.37
C GLY A 10 1.63 -26.90 8.64
N ALA A 11 -1.02 -26.32 6.00
N ALA A 11 0.86 -26.19 9.47
CA ALA A 11 -1.68 -27.53 5.55
CA ALA A 11 0.39 -26.74 10.74
C ALA A 11 -2.54 -28.12 6.67
C ALA A 11 -0.88 -27.57 10.60
N GLY A 12 -2.09 -27.95 7.91
N GLY A 12 -1.51 -27.60 9.43
CA GLY A 12 -2.89 -28.36 9.05
CA GLY A 12 -2.76 -28.30 9.24
C GLY A 12 -4.08 -27.44 9.30
C GLY A 12 -4.00 -27.44 9.33
N LYS A 13 -3.87 -26.12 9.15
CA LYS A 13 -5.02 -25.22 9.25
C LYS A 13 -6.12 -25.61 8.29
N ARG A 14 -5.76 -25.86 7.02
CA ARG A 14 -6.78 -26.13 6.00
C ARG A 14 -7.59 -27.36 6.36
N THR A 15 -6.93 -28.43 6.80
CA THR A 15 -7.67 -29.59 7.27
C THR A 15 -8.56 -29.22 8.45
N LEU A 16 -8.04 -28.43 9.40
CA LEU A 16 -8.87 -28.05 10.53
C LEU A 16 -10.08 -27.24 10.08
N VAL A 17 -9.88 -26.32 9.14
CA VAL A 17 -11.00 -25.55 8.60
C VAL A 17 -12.06 -26.47 8.03
N GLU A 18 -11.64 -27.48 7.26
CA GLU A 18 -12.59 -28.38 6.61
C GLU A 18 -13.34 -29.23 7.64
N LYS A 19 -12.61 -29.83 8.58
CA LYS A 19 -13.27 -30.65 9.59
C LYS A 19 -14.20 -29.80 10.45
N LEU A 20 -13.78 -28.58 10.78
CA LEU A 20 -14.64 -27.68 11.55
C LEU A 20 -15.87 -27.27 10.74
N SER A 21 -15.68 -26.95 9.45
CA SER A 21 -16.82 -26.63 8.60
C SER A 21 -17.85 -27.76 8.59
N GLY A 22 -17.39 -29.00 8.46
CA GLY A 22 -18.31 -30.12 8.46
C GLY A 22 -19.07 -30.25 9.76
N ALA A 23 -18.38 -30.05 10.88
CA ALA A 23 -19.04 -30.17 12.18
C ALA A 23 -20.12 -29.10 12.34
N PHE A 24 -19.81 -27.85 11.94
CA PHE A 24 -20.84 -26.81 11.98
C PHE A 24 -22.04 -27.21 11.12
N ARG A 25 -21.79 -27.65 9.88
CA ARG A 25 -22.89 -28.00 8.98
C ARG A 25 -23.66 -29.21 9.52
N ALA A 26 -22.96 -30.18 10.08
CA ALA A 26 -23.67 -31.29 10.71
C ALA A 26 -24.57 -30.81 11.84
N ALA A 27 -24.29 -29.65 12.43
CA ALA A 27 -25.12 -29.12 13.49
C ALA A 27 -26.18 -28.15 12.99
N GLY A 28 -26.42 -28.09 11.68
CA GLY A 28 -27.44 -27.22 11.13
C GLY A 28 -27.01 -25.79 10.86
N ARG A 29 -25.73 -25.50 10.90
CA ARG A 29 -25.24 -24.14 10.68
C ARG A 29 -24.61 -24.04 9.31
N SER A 30 -25.01 -23.03 8.55
CA SER A 30 -24.36 -22.73 7.28
C SER A 30 -23.01 -22.07 7.52
N VAL A 31 -22.05 -22.35 6.63
CA VAL A 31 -20.67 -21.93 6.81
C VAL A 31 -20.12 -21.38 5.51
N ALA A 32 -19.40 -20.27 5.59
CA ALA A 32 -18.55 -19.77 4.52
C ALA A 32 -17.15 -19.56 5.07
N THR A 33 -16.16 -19.74 4.20
CA THR A 33 -14.76 -19.58 4.56
C THR A 33 -14.07 -18.67 3.57
N LEU A 34 -12.99 -18.06 4.02
CA LEU A 34 -12.19 -17.11 3.25
C LEU A 34 -10.77 -17.21 3.76
N ALA A 35 -9.81 -17.24 2.84
CA ALA A 35 -8.41 -17.41 3.19
C ALA A 35 -7.63 -16.13 2.94
N PHE A 36 -6.76 -15.78 3.88
CA PHE A 36 -5.79 -14.70 3.70
C PHE A 36 -4.39 -15.28 3.69
N PRO A 37 -3.48 -14.68 2.90
CA PRO A 37 -3.77 -13.54 2.02
C PRO A 37 -4.61 -13.97 0.83
N ARG A 38 -5.30 -13.04 0.20
CA ARG A 38 -6.19 -13.39 -0.91
C ARG A 38 -5.40 -13.45 -2.22
N TYR A 39 -4.42 -14.36 -2.27
CA TYR A 39 -3.63 -14.53 -3.47
C TYR A 39 -4.53 -14.80 -4.67
N GLY A 40 -4.17 -14.20 -5.80
CA GLY A 40 -4.95 -14.32 -7.00
C GLY A 40 -6.17 -13.45 -7.05
N GLN A 41 -6.51 -12.76 -5.95
CA GLN A 41 -7.72 -11.95 -5.90
C GLN A 41 -7.51 -10.51 -5.49
N SER A 42 -6.31 -10.10 -5.06
CA SER A 42 -6.08 -8.70 -4.80
C SER A 42 -4.65 -8.35 -5.16
N VAL A 43 -4.46 -7.14 -5.70
CA VAL A 43 -3.13 -6.69 -6.09
C VAL A 43 -2.18 -6.65 -4.90
N ALA A 44 -2.66 -6.20 -3.74
CA ALA A 44 -1.79 -6.11 -2.58
C ALA A 44 -1.23 -7.50 -2.24
N ALA A 45 -2.11 -8.52 -2.22
CA ALA A 45 -1.63 -9.86 -1.87
C ALA A 45 -0.72 -10.42 -2.95
N ASP A 46 -1.05 -10.16 -4.23
CA ASP A 46 -0.21 -10.66 -5.30
C ASP A 46 1.17 -10.00 -5.30
N ILE A 47 1.23 -8.70 -5.00
CA ILE A 47 2.53 -8.04 -4.90
C ILE A 47 3.34 -8.65 -3.75
N ALA A 48 2.68 -8.90 -2.62
CA ALA A 48 3.38 -9.56 -1.51
C ALA A 48 3.92 -10.92 -1.94
N ALA A 49 3.08 -11.73 -2.61
CA ALA A 49 3.54 -13.02 -3.11
C ALA A 49 4.77 -12.86 -4.00
N GLU A 50 4.72 -11.91 -4.94
CA GLU A 50 5.85 -11.70 -5.83
C GLU A 50 7.08 -11.22 -5.07
N ALA A 51 6.89 -10.38 -4.05
CA ALA A 51 8.03 -9.93 -3.26
C ALA A 51 8.71 -11.09 -2.55
N LEU A 52 7.92 -12.06 -2.05
CA LEU A 52 8.49 -13.24 -1.41
C LEU A 52 9.30 -14.09 -2.39
N HIS A 53 9.05 -13.96 -3.70
CA HIS A 53 9.82 -14.67 -4.70
C HIS A 53 10.91 -13.81 -5.33
N GLY A 54 11.24 -12.69 -4.70
CA GLY A 54 12.39 -11.90 -5.11
C GLY A 54 12.10 -10.69 -5.98
N GLU A 55 10.84 -10.45 -6.34
CA GLU A 55 10.48 -9.30 -7.15
C GLU A 55 10.37 -8.04 -6.30
N HIS A 56 10.33 -6.90 -6.98
CA HIS A 56 10.02 -5.61 -6.36
C HIS A 56 11.15 -5.13 -5.44
N GLY A 57 12.39 -5.25 -5.92
CA GLY A 57 13.52 -4.62 -5.25
C GLY A 57 13.67 -5.03 -3.80
N ASP A 58 13.75 -4.03 -2.91
CA ASP A 58 14.02 -4.20 -1.50
C ASP A 58 12.76 -4.39 -0.66
N LEU A 59 11.61 -4.62 -1.29
CA LEU A 59 10.36 -4.57 -0.54
C LEU A 59 10.31 -5.65 0.54
N ALA A 60 10.65 -6.90 0.20
CA ALA A 60 10.47 -8.01 1.13
C ALA A 60 11.37 -7.93 2.35
N SER A 61 12.49 -7.20 2.25
CA SER A 61 13.39 -7.06 3.39
C SER A 61 12.86 -6.10 4.46
N SER A 62 11.82 -5.33 4.16
CA SER A 62 11.17 -4.50 5.16
C SER A 62 10.01 -5.28 5.77
N VAL A 63 10.13 -5.60 7.06
CA VAL A 63 9.08 -6.36 7.74
C VAL A 63 7.78 -5.57 7.72
N TYR A 64 7.85 -4.26 7.94
CA TYR A 64 6.64 -3.45 7.98
C TYR A 64 6.03 -3.26 6.59
N ALA A 65 6.85 -3.28 5.52
CA ALA A 65 6.27 -3.14 4.19
C ALA A 65 5.43 -4.36 3.84
N MET A 66 5.98 -5.56 4.06
CA MET A 66 5.22 -6.79 3.83
C MET A 66 3.97 -6.81 4.70
N ALA A 67 4.12 -6.52 5.99
CA ALA A 67 2.95 -6.50 6.88
C ALA A 67 1.90 -5.52 6.38
N THR A 68 2.36 -4.39 5.81
CA THR A 68 1.44 -3.39 5.29
C THR A 68 0.65 -3.92 4.09
N LEU A 69 1.30 -4.67 3.20
CA LEU A 69 0.58 -5.26 2.06
C LEU A 69 -0.52 -6.21 2.53
N PHE A 70 -0.20 -7.08 3.50
CA PHE A 70 -1.21 -7.99 4.00
C PHE A 70 -2.36 -7.22 4.65
N ALA A 71 -2.04 -6.12 5.35
CA ALA A 71 -3.10 -5.29 5.91
C ALA A 71 -3.94 -4.65 4.81
N LEU A 72 -3.31 -4.16 3.73
CA LEU A 72 -4.07 -3.56 2.64
C LEU A 72 -4.97 -4.60 1.98
N ASP A 73 -4.47 -5.82 1.82
CA ASP A 73 -5.30 -6.90 1.30
C ASP A 73 -6.57 -7.08 2.14
N ARG A 74 -6.41 -7.14 3.47
CA ARG A 74 -7.57 -7.27 4.37
C ARG A 74 -8.44 -6.03 4.34
N ALA A 75 -7.84 -4.83 4.31
CA ALA A 75 -8.62 -3.60 4.22
C ALA A 75 -9.56 -3.63 3.02
N GLY A 76 -9.06 -4.11 1.87
CA GLY A 76 -9.91 -4.29 0.68
C GLY A 76 -10.97 -5.37 0.84
N ALA A 77 -10.91 -6.16 1.91
CA ALA A 77 -11.82 -7.29 2.06
C ALA A 77 -12.92 -7.05 3.09
N VAL A 78 -13.05 -5.82 3.62
CA VAL A 78 -14.01 -5.58 4.70
C VAL A 78 -15.43 -5.92 4.26
N HIS A 79 -15.85 -5.47 3.06
CA HIS A 79 -17.23 -5.76 2.67
C HIS A 79 -17.44 -7.25 2.47
N THR A 80 -16.42 -7.97 2.01
CA THR A 80 -16.56 -9.42 1.85
C THR A 80 -16.76 -10.10 3.20
N ILE A 81 -15.88 -9.80 4.16
CA ILE A 81 -16.02 -10.38 5.50
C ILE A 81 -17.38 -10.04 6.10
N GLN A 82 -17.73 -8.75 6.06
CA GLN A 82 -18.99 -8.31 6.66
C GLN A 82 -20.18 -8.90 5.91
N GLY A 83 -20.13 -8.92 4.58
CA GLY A 83 -21.23 -9.51 3.82
C GLY A 83 -21.39 -10.98 4.09
N LEU A 84 -20.27 -11.71 4.23
CA LEU A 84 -20.37 -13.12 4.59
C LEU A 84 -21.01 -13.30 5.96
N CYS A 85 -20.62 -12.48 6.95
CA CYS A 85 -21.22 -12.61 8.27
C CYS A 85 -22.72 -12.37 8.22
N ARG A 86 -23.16 -11.45 7.35
N ARG A 86 -23.15 -11.44 7.35
CA ARG A 86 -24.59 -11.19 7.28
CA ARG A 86 -24.57 -11.14 7.23
C ARG A 86 -25.34 -12.20 6.44
C ARG A 86 -25.33 -12.23 6.49
N GLY A 87 -24.64 -13.11 5.77
CA GLY A 87 -25.31 -14.15 4.98
C GLY A 87 -25.16 -15.58 5.47
N TYR A 88 -24.31 -15.83 6.48
CA TYR A 88 -24.02 -17.18 6.93
C TYR A 88 -24.00 -17.23 8.45
N ASP A 89 -24.39 -18.38 9.02
CA ASP A 89 -24.30 -18.53 10.48
C ASP A 89 -22.86 -18.41 10.95
N VAL A 90 -21.92 -19.02 10.23
CA VAL A 90 -20.54 -19.10 10.66
C VAL A 90 -19.64 -18.71 9.50
N VAL A 91 -18.70 -17.81 9.75
CA VAL A 91 -17.68 -17.43 8.79
C VAL A 91 -16.32 -17.82 9.37
N ILE A 92 -15.59 -18.64 8.64
CA ILE A 92 -14.29 -19.12 9.10
C ILE A 92 -13.22 -18.51 8.22
N LEU A 93 -12.31 -17.77 8.83
CA LEU A 93 -11.19 -17.18 8.13
C LEU A 93 -9.96 -18.07 8.32
N ASP A 94 -9.36 -18.48 7.21
CA ASP A 94 -8.10 -19.22 7.25
C ASP A 94 -6.97 -18.21 7.25
N ARG A 95 -6.45 -17.91 8.44
CA ARG A 95 -5.52 -16.82 8.71
C ARG A 95 -6.27 -15.49 8.77
N TYR A 96 -5.88 -14.64 9.70
CA TYR A 96 -6.46 -13.31 9.82
C TYR A 96 -5.42 -12.36 10.41
N VAL A 97 -5.86 -11.34 11.14
CA VAL A 97 -4.94 -10.29 11.57
C VAL A 97 -3.82 -10.85 12.44
N ALA A 98 -4.10 -11.87 13.27
CA ALA A 98 -3.07 -12.35 14.19
C ALA A 98 -1.90 -12.95 13.43
N SER A 99 -2.13 -13.49 12.22
CA SER A 99 -1.02 -13.92 11.38
C SER A 99 -0.01 -12.79 11.18
N ASN A 100 -0.49 -11.58 10.94
CA ASN A 100 0.41 -10.45 10.73
C ASN A 100 1.19 -10.12 12.00
N ALA A 101 0.54 -10.21 13.15
CA ALA A 101 1.22 -9.92 14.41
C ALA A 101 2.30 -10.96 14.67
N ALA A 102 1.99 -12.25 14.47
CA ALA A 102 2.92 -13.31 14.84
C ALA A 102 4.13 -13.32 13.92
N TYR A 103 3.90 -13.32 12.60
CA TYR A 103 5.02 -13.39 11.66
C TYR A 103 5.88 -12.14 11.72
N SER A 104 5.25 -10.97 11.87
CA SER A 104 6.02 -9.71 11.87
C SER A 104 6.89 -9.64 13.11
N ALA A 105 6.33 -9.94 14.28
CA ALA A 105 7.13 -10.00 15.49
C ALA A 105 8.27 -10.99 15.34
N ALA A 106 7.99 -12.16 14.78
CA ALA A 106 9.03 -13.20 14.70
C ALA A 106 10.16 -12.78 13.77
N ARG A 107 9.81 -12.15 12.64
CA ARG A 107 10.85 -11.68 11.71
C ARG A 107 11.75 -10.64 12.38
N LEU A 108 11.21 -9.86 13.31
CA LEU A 108 11.99 -8.83 14.00
C LEU A 108 12.57 -9.32 15.32
N HIS A 109 12.41 -10.60 15.66
CA HIS A 109 12.89 -11.14 16.92
C HIS A 109 12.26 -10.42 18.12
N GLU A 110 10.97 -10.12 18.02
CA GLU A 110 10.20 -9.52 19.10
C GLU A 110 9.25 -10.57 19.66
N ASN A 111 8.66 -10.27 20.80
CA ASN A 111 7.67 -11.15 21.38
C ASN A 111 6.28 -10.51 21.28
N ALA A 112 5.27 -11.22 21.80
CA ALA A 112 3.88 -10.81 21.59
C ALA A 112 3.58 -9.46 22.21
N ALA A 113 4.36 -9.03 23.20
CA ALA A 113 4.18 -7.76 23.88
C ALA A 113 4.93 -6.62 23.22
N GLY A 114 5.57 -6.85 22.07
CA GLY A 114 6.47 -5.89 21.48
C GLY A 114 5.78 -4.95 20.49
N LYS A 115 6.62 -4.15 19.83
CA LYS A 115 6.12 -3.04 19.01
C LYS A 115 5.37 -3.52 17.78
N ALA A 116 5.90 -4.53 17.08
CA ALA A 116 5.27 -4.96 15.83
C ALA A 116 3.85 -5.46 16.06
N ALA A 117 3.66 -6.31 17.06
CA ALA A 117 2.31 -6.82 17.34
C ALA A 117 1.36 -5.70 17.76
N ALA A 118 1.84 -4.75 18.56
CA ALA A 118 1.01 -3.59 18.88
C ALA A 118 0.70 -2.78 17.62
N TRP A 119 1.69 -2.60 16.74
CA TRP A 119 1.44 -1.85 15.52
C TRP A 119 0.38 -2.54 14.67
N VAL A 120 0.47 -3.86 14.51
CA VAL A 120 -0.54 -4.59 13.73
C VAL A 120 -1.93 -4.31 14.30
N GLN A 121 -2.07 -4.40 15.62
CA GLN A 121 -3.38 -4.22 16.23
C GLN A 121 -3.90 -2.81 15.98
N ARG A 122 -3.05 -1.82 16.18
CA ARG A 122 -3.45 -0.42 15.99
C ARG A 122 -3.86 -0.16 14.54
N ILE A 123 -3.08 -0.64 13.58
CA ILE A 123 -3.36 -0.27 12.18
C ILE A 123 -4.56 -1.04 11.63
N GLU A 124 -4.62 -2.35 11.88
CA GLU A 124 -5.67 -3.16 11.24
C GLU A 124 -7.00 -3.04 11.98
N PHE A 125 -7.00 -3.19 13.32
CA PHE A 125 -8.25 -3.15 14.08
C PHE A 125 -8.69 -1.72 14.37
N ALA A 126 -7.81 -0.93 15.01
CA ALA A 126 -8.26 0.37 15.49
C ALA A 126 -8.42 1.38 14.35
N ARG A 127 -7.54 1.36 13.36
CA ARG A 127 -7.55 2.38 12.30
C ARG A 127 -8.34 1.96 11.06
N LEU A 128 -7.96 0.82 10.45
CA LEU A 128 -8.66 0.37 9.26
C LEU A 128 -9.98 -0.32 9.57
N GLY A 129 -10.25 -0.64 10.84
CA GLY A 129 -11.55 -1.15 11.23
C GLY A 129 -11.88 -2.54 10.74
N LEU A 130 -10.90 -3.41 10.61
CA LEU A 130 -11.21 -4.81 10.35
C LEU A 130 -12.05 -5.37 11.51
N PRO A 131 -13.07 -6.18 11.24
CA PRO A 131 -13.92 -6.68 12.33
C PRO A 131 -13.14 -7.54 13.31
N LYS A 132 -13.41 -7.35 14.60
CA LYS A 132 -12.80 -8.20 15.62
C LYS A 132 -13.49 -9.56 15.59
N PRO A 133 -12.74 -10.66 15.55
CA PRO A 133 -13.35 -11.98 15.51
C PRO A 133 -13.90 -12.40 16.86
N ASP A 134 -14.98 -13.18 16.81
CA ASP A 134 -15.51 -13.75 18.06
C ASP A 134 -14.55 -14.79 18.63
N TRP A 135 -13.82 -15.50 17.77
CA TRP A 135 -12.88 -16.53 18.20
C TRP A 135 -11.63 -16.47 17.34
N GLN A 136 -10.49 -16.66 17.98
CA GLN A 136 -9.25 -16.98 17.28
C GLN A 136 -8.78 -18.33 17.79
N VAL A 137 -8.65 -19.28 16.88
CA VAL A 137 -8.34 -20.67 17.21
C VAL A 137 -6.90 -20.92 16.77
N LEU A 138 -6.00 -21.13 17.72
CA LEU A 138 -4.61 -21.39 17.41
C LEU A 138 -4.38 -22.89 17.28
N LEU A 139 -3.97 -23.33 16.09
CA LEU A 139 -3.59 -24.72 15.90
C LEU A 139 -2.14 -24.87 16.37
N ALA A 140 -1.93 -25.44 17.57
CA ALA A 140 -0.61 -25.44 18.18
C ALA A 140 0.08 -26.80 18.18
N VAL A 141 -0.65 -27.89 17.97
CA VAL A 141 -0.07 -29.23 17.96
C VAL A 141 -0.54 -29.90 16.67
N SER A 142 0.39 -30.16 15.76
CA SER A 142 0.05 -30.69 14.46
C SER A 142 0.14 -32.20 14.45
N ALA A 143 -0.50 -32.81 13.44
CA ALA A 143 -0.54 -34.26 13.32
C ALA A 143 0.72 -34.81 12.65
N ASP A 168 12.71 -21.15 6.59
CA ASP A 168 13.52 -20.89 7.77
C ASP A 168 12.89 -21.53 9.01
N ALA A 169 13.57 -22.55 9.54
CA ALA A 169 13.02 -23.29 10.67
C ALA A 169 12.98 -22.43 11.93
N GLU A 170 14.02 -21.62 12.16
CA GLU A 170 14.04 -20.77 13.35
C GLU A 170 12.91 -19.74 13.31
N LEU A 171 12.65 -19.16 12.14
CA LEU A 171 11.55 -18.21 12.02
C LEU A 171 10.21 -18.87 12.35
N GLN A 172 10.00 -20.10 11.89
CA GLN A 172 8.76 -20.81 12.21
C GLN A 172 8.64 -21.03 13.71
N GLN A 173 9.72 -21.47 14.36
CA GLN A 173 9.72 -21.62 15.81
C GLN A 173 9.39 -20.31 16.50
N ARG A 174 10.02 -19.21 16.09
CA ARG A 174 9.73 -17.94 16.73
C ARG A 174 8.28 -17.54 16.50
N THR A 175 7.75 -17.78 15.30
CA THR A 175 6.36 -17.44 15.03
C THR A 175 5.42 -18.25 15.94
N GLY A 176 5.73 -19.52 16.13
CA GLY A 176 4.92 -20.34 17.03
C GLY A 176 4.92 -19.84 18.46
N ALA A 177 6.09 -19.39 18.94
CA ALA A 177 6.15 -18.88 20.31
C ALA A 177 5.40 -17.56 20.45
N VAL A 178 5.50 -16.66 19.46
CA VAL A 178 4.71 -15.43 19.52
C VAL A 178 3.22 -15.79 19.54
N TYR A 179 2.79 -16.65 18.62
CA TYR A 179 1.41 -17.12 18.59
C TYR A 179 0.94 -17.57 19.98
N ALA A 180 1.74 -18.38 20.66
CA ALA A 180 1.30 -18.93 21.94
C ALA A 180 1.06 -17.83 22.95
N GLU A 181 1.94 -16.82 23.00
CA GLU A 181 1.73 -15.70 23.90
C GLU A 181 0.56 -14.84 23.46
N LEU A 182 0.39 -14.63 22.14
CA LEU A 182 -0.79 -13.89 21.69
C LEU A 182 -2.07 -14.52 22.23
N ALA A 183 -2.19 -15.85 22.10
CA ALA A 183 -3.39 -16.53 22.58
C ALA A 183 -3.49 -16.41 24.10
N ALA A 184 -2.38 -16.63 24.81
CA ALA A 184 -2.42 -16.61 26.27
C ALA A 184 -2.88 -15.25 26.79
N GLN A 185 -2.51 -14.18 26.10
CA GLN A 185 -2.83 -12.84 26.57
CA GLN A 185 -2.76 -12.79 26.45
C GLN A 185 -4.10 -12.27 25.92
N GLY A 186 -4.86 -13.09 25.20
CA GLY A 186 -6.12 -12.62 24.61
C GLY A 186 -5.97 -11.53 23.57
N TRP A 187 -4.91 -11.57 22.78
CA TRP A 187 -4.66 -10.52 21.80
C TRP A 187 -5.79 -10.44 20.78
N GLY A 188 -6.45 -9.29 20.71
CA GLY A 188 -7.53 -9.09 19.78
C GLY A 188 -8.84 -9.76 20.14
N GLY A 189 -8.93 -10.44 21.29
CA GLY A 189 -10.15 -11.11 21.65
C GLY A 189 -9.87 -12.49 22.23
N ARG A 190 -10.94 -13.27 22.32
CA ARG A 190 -10.89 -14.60 22.92
C ARG A 190 -10.18 -15.59 22.00
N TRP A 191 -9.34 -16.44 22.58
CA TRP A 191 -8.61 -17.48 21.87
C TRP A 191 -8.95 -18.86 22.41
N LEU A 192 -8.85 -19.85 21.54
CA LEU A 192 -8.83 -21.25 21.97
C LEU A 192 -7.60 -21.87 21.33
N VAL A 193 -6.84 -22.64 22.11
CA VAL A 193 -5.62 -23.28 21.61
C VAL A 193 -5.88 -24.78 21.54
N VAL A 194 -5.67 -25.36 20.35
CA VAL A 194 -6.07 -26.74 20.11
C VAL A 194 -4.95 -27.53 19.46
N GLY A 195 -5.08 -28.87 19.52
CA GLY A 195 -4.29 -29.75 18.70
C GLY A 195 -5.12 -30.15 17.47
N ALA A 196 -4.43 -30.79 16.52
CA ALA A 196 -5.06 -31.14 15.24
C ALA A 196 -6.17 -32.16 15.38
N ASP A 197 -6.06 -33.09 16.34
CA ASP A 197 -6.99 -34.20 16.44
C ASP A 197 -8.10 -33.93 17.45
N VAL A 198 -8.30 -32.66 17.81
CA VAL A 198 -9.42 -32.30 18.68
C VAL A 198 -10.72 -32.71 18.00
N ASP A 199 -11.65 -33.25 18.78
CA ASP A 199 -12.91 -33.71 18.20
C ASP A 199 -13.66 -32.55 17.54
N PRO A 200 -13.96 -32.64 16.25
CA PRO A 200 -14.61 -31.48 15.60
C PRO A 200 -15.98 -31.17 16.17
N GLY A 201 -16.78 -32.20 16.46
CA GLY A 201 -18.08 -31.95 17.06
C GLY A 201 -17.99 -31.12 18.32
N ARG A 202 -17.11 -31.53 19.25
CA ARG A 202 -16.93 -30.77 20.48
C ARG A 202 -16.35 -29.38 20.18
N LEU A 203 -15.43 -29.27 19.23
CA LEU A 203 -14.90 -27.96 18.91
C LEU A 203 -15.99 -27.06 18.35
N ALA A 204 -16.77 -27.57 17.40
CA ALA A 204 -17.91 -26.80 16.89
C ALA A 204 -18.87 -26.45 18.03
N ALA A 205 -19.17 -27.42 18.90
CA ALA A 205 -20.04 -27.15 20.03
C ALA A 205 -19.44 -26.11 20.97
N THR A 206 -18.12 -26.09 21.11
CA THR A 206 -17.50 -25.08 21.96
C THR A 206 -17.61 -23.69 21.34
N LEU A 207 -17.36 -23.58 20.04
CA LEU A 207 -17.34 -22.26 19.40
C LEU A 207 -18.74 -21.68 19.27
N ALA A 208 -19.72 -22.51 18.89
CA ALA A 208 -21.11 -22.07 18.75
C ALA A 208 -21.98 -23.13 19.43
N PRO A 209 -22.03 -23.14 20.76
CA PRO A 209 -22.79 -24.19 21.48
C PRO A 209 -24.25 -24.22 21.07
N PRO A 210 -24.77 -25.41 20.74
CA PRO A 210 -26.20 -25.52 20.41
C PRO A 210 -27.10 -25.16 21.58
N ASP A 211 -28.32 -24.72 21.24
CA ASP A 211 -29.31 -24.34 22.24
C ASP A 211 -29.95 -25.55 22.93
N MET B 1 -7.00 15.88 -23.49
CA MET B 1 -5.55 15.93 -23.33
C MET B 1 -5.13 15.85 -21.87
N LEU B 2 -4.13 15.00 -21.58
CA LEU B 2 -3.68 14.75 -20.21
C LEU B 2 -2.26 15.29 -20.05
N ILE B 3 -2.08 16.22 -19.12
CA ILE B 3 -0.81 16.90 -18.91
C ILE B 3 -0.39 16.68 -17.46
N ALA B 4 0.86 16.25 -17.27
CA ALA B 4 1.42 16.07 -15.93
C ALA B 4 2.50 17.12 -15.68
N ILE B 5 2.38 17.83 -14.57
CA ILE B 5 3.41 18.75 -14.12
C ILE B 5 4.32 17.99 -13.16
N GLU B 6 5.63 18.05 -13.43
CA GLU B 6 6.63 17.30 -12.69
C GLU B 6 7.73 18.23 -12.19
N GLY B 7 8.47 17.77 -11.20
CA GLY B 7 9.59 18.52 -10.66
C GLY B 7 9.81 18.21 -9.19
N VAL B 8 10.91 18.74 -8.66
CA VAL B 8 11.22 18.52 -7.24
C VAL B 8 10.30 19.37 -6.36
N ASP B 9 10.07 18.88 -5.15
CA ASP B 9 9.37 19.66 -4.15
C ASP B 9 9.97 21.06 -4.06
N GLY B 10 9.11 22.07 -4.11
CA GLY B 10 9.58 23.43 -4.04
C GLY B 10 9.80 24.08 -5.38
N ALA B 11 9.56 23.36 -6.48
CA ALA B 11 9.72 23.95 -7.80
C ALA B 11 8.64 24.99 -8.08
N GLY B 12 7.48 24.87 -7.43
CA GLY B 12 6.35 25.72 -7.72
C GLY B 12 5.31 25.06 -8.61
N LYS B 13 5.14 23.73 -8.52
CA LYS B 13 4.31 23.02 -9.48
C LYS B 13 2.88 23.54 -9.48
N ARG B 14 2.31 23.80 -8.29
CA ARG B 14 0.91 24.21 -8.23
C ARG B 14 0.71 25.58 -8.86
N THR B 15 1.62 26.51 -8.60
CA THR B 15 1.56 27.78 -9.29
C THR B 15 1.46 27.60 -10.80
N LEU B 16 2.27 26.70 -11.36
CA LEU B 16 2.20 26.46 -12.81
C LEU B 16 0.86 25.85 -13.21
N VAL B 17 0.36 24.89 -12.42
CA VAL B 17 -0.94 24.30 -12.71
C VAL B 17 -2.00 25.39 -12.81
N GLU B 18 -1.97 26.36 -11.88
CA GLU B 18 -3.00 27.39 -11.87
C GLU B 18 -2.88 28.33 -13.07
N LYS B 19 -1.68 28.85 -13.33
CA LYS B 19 -1.54 29.77 -14.46
C LYS B 19 -1.80 29.06 -15.78
N LEU B 20 -1.37 27.80 -15.92
CA LEU B 20 -1.68 27.07 -17.13
C LEU B 20 -3.19 26.83 -17.25
N SER B 21 -3.85 26.48 -16.13
CA SER B 21 -5.31 26.35 -16.15
C SER B 21 -5.94 27.63 -16.64
N GLY B 22 -5.50 28.78 -16.11
CA GLY B 22 -6.06 30.04 -16.54
C GLY B 22 -5.86 30.30 -18.02
N ALA B 23 -4.67 29.96 -18.53
CA ALA B 23 -4.37 30.21 -19.94
C ALA B 23 -5.25 29.37 -20.86
N PHE B 24 -5.40 28.07 -20.54
CA PHE B 24 -6.29 27.20 -21.32
C PHE B 24 -7.73 27.72 -21.31
N ARG B 25 -8.23 28.09 -20.13
CA ARG B 25 -9.60 28.59 -20.07
C ARG B 25 -9.76 29.88 -20.86
N ALA B 26 -8.74 30.76 -20.82
CA ALA B 26 -8.78 31.96 -21.66
C ALA B 26 -8.82 31.62 -23.14
N ALA B 27 -8.31 30.47 -23.53
CA ALA B 27 -8.33 30.07 -24.93
C ALA B 27 -9.54 29.22 -25.28
N GLY B 28 -10.55 29.19 -24.39
CA GLY B 28 -11.78 28.47 -24.66
C GLY B 28 -11.77 26.99 -24.31
N ARG B 29 -10.76 26.52 -23.59
CA ARG B 29 -10.68 25.10 -23.23
C ARG B 29 -11.06 24.90 -21.78
N SER B 30 -11.93 23.93 -21.53
CA SER B 30 -12.26 23.53 -20.17
C SER B 30 -11.10 22.73 -19.58
N VAL B 31 -10.91 22.90 -18.28
CA VAL B 31 -9.77 22.33 -17.57
C VAL B 31 -10.22 21.75 -16.24
N ALA B 32 -9.72 20.56 -15.91
CA ALA B 32 -9.82 20.01 -14.57
C ALA B 32 -8.42 19.64 -14.10
N THR B 33 -8.22 19.67 -12.78
CA THR B 33 -6.92 19.39 -12.19
C THR B 33 -7.06 18.33 -11.11
N LEU B 34 -5.94 17.65 -10.85
CA LEU B 34 -5.86 16.57 -9.88
C LEU B 34 -4.43 16.49 -9.38
N ALA B 35 -4.24 16.30 -8.07
CA ALA B 35 -2.92 16.24 -7.46
C ALA B 35 -2.67 14.86 -6.86
N PHE B 36 -1.46 14.33 -7.04
CA PHE B 36 -1.09 13.10 -6.33
C PHE B 36 0.00 13.37 -5.30
N PRO B 37 0.00 12.63 -4.18
CA PRO B 37 -0.94 11.56 -3.81
C PRO B 37 -2.30 12.09 -3.34
N ARG B 38 -3.32 11.23 -3.42
CA ARG B 38 -4.71 11.58 -3.08
C ARG B 38 -5.03 11.29 -1.62
N TYR B 39 -4.55 12.15 -0.74
CA TYR B 39 -4.82 12.00 0.68
C TYR B 39 -6.32 11.81 0.97
N GLY B 40 -6.63 10.93 1.90
CA GLY B 40 -8.01 10.67 2.27
C GLY B 40 -8.80 9.82 1.30
N GLN B 41 -8.27 9.49 0.14
CA GLN B 41 -9.07 8.79 -0.85
C GLN B 41 -8.52 7.42 -1.17
N SER B 42 -7.40 7.06 -0.57
CA SER B 42 -6.88 5.70 -0.58
C SER B 42 -6.16 5.45 0.75
N VAL B 43 -6.25 4.20 1.21
CA VAL B 43 -5.45 3.83 2.37
C VAL B 43 -3.97 3.97 2.05
N ALA B 44 -3.59 3.65 0.80
CA ALA B 44 -2.18 3.64 0.40
C ALA B 44 -1.53 5.01 0.57
N ALA B 45 -2.19 6.07 0.12
CA ALA B 45 -1.58 7.38 0.21
C ALA B 45 -1.47 7.85 1.66
N ASP B 46 -2.46 7.51 2.49
CA ASP B 46 -2.42 7.89 3.89
C ASP B 46 -1.30 7.18 4.63
N ILE B 47 -1.10 5.89 4.35
CA ILE B 47 -0.01 5.16 4.96
C ILE B 47 1.34 5.74 4.52
N ALA B 48 1.47 6.08 3.24
CA ALA B 48 2.73 6.66 2.77
C ALA B 48 3.05 7.96 3.51
N ALA B 49 2.06 8.86 3.62
CA ALA B 49 2.25 10.10 4.35
C ALA B 49 2.68 9.82 5.79
N GLU B 50 1.98 8.90 6.47
CA GLU B 50 2.34 8.57 7.83
C GLU B 50 3.76 8.01 7.91
N ALA B 51 4.15 7.19 6.93
CA ALA B 51 5.50 6.63 6.91
C ALA B 51 6.56 7.72 6.80
N LEU B 52 6.30 8.75 5.98
CA LEU B 52 7.25 9.86 5.84
C LEU B 52 7.40 10.65 7.13
N HIS B 53 6.41 10.59 8.03
CA HIS B 53 6.53 11.28 9.32
C HIS B 53 6.95 10.36 10.43
N GLY B 54 7.47 9.17 10.10
CA GLY B 54 8.07 8.31 11.11
C GLY B 54 7.24 7.16 11.61
N GLU B 55 5.99 7.00 11.16
CA GLU B 55 5.18 5.86 11.59
C GLU B 55 5.52 4.61 10.76
N HIS B 56 5.05 3.46 11.22
CA HIS B 56 5.12 2.22 10.45
C HIS B 56 6.55 1.68 10.37
N GLY B 57 7.28 1.71 11.47
CA GLY B 57 8.54 0.98 11.56
C GLY B 57 9.51 1.36 10.45
N ASP B 58 10.01 0.36 9.72
CA ASP B 58 11.01 0.56 8.68
C ASP B 58 10.40 0.80 7.30
N LEU B 59 9.09 1.09 7.22
CA LEU B 59 8.42 1.16 5.92
C LEU B 59 9.07 2.19 5.01
N ALA B 60 9.30 3.41 5.49
CA ALA B 60 9.78 4.47 4.60
C ALA B 60 11.17 4.16 4.06
N SER B 61 11.97 3.36 4.76
CA SER B 61 13.31 3.07 4.29
C SER B 61 13.31 2.09 3.11
N SER B 62 12.18 1.46 2.79
CA SER B 62 12.12 0.61 1.62
C SER B 62 11.67 1.46 0.44
N VAL B 63 12.57 1.65 -0.52
CA VAL B 63 12.26 2.50 -1.67
C VAL B 63 11.11 1.91 -2.48
N TYR B 64 11.13 0.60 -2.70
CA TYR B 64 10.09 -0.02 -3.52
C TYR B 64 8.75 -0.09 -2.78
N ALA B 65 8.77 -0.17 -1.44
CA ALA B 65 7.51 -0.19 -0.72
C ALA B 65 6.82 1.17 -0.82
N MET B 66 7.56 2.25 -0.57
CA MET B 66 6.97 3.57 -0.75
C MET B 66 6.48 3.76 -2.18
N ALA B 67 7.31 3.41 -3.18
CA ALA B 67 6.87 3.56 -4.56
C ALA B 67 5.61 2.72 -4.85
N THR B 68 5.51 1.54 -4.25
CA THR B 68 4.33 0.72 -4.47
C THR B 68 3.08 1.40 -3.92
N LEU B 69 3.19 2.01 -2.75
CA LEU B 69 2.06 2.73 -2.17
C LEU B 69 1.60 3.87 -3.08
N PHE B 70 2.53 4.66 -3.58
CA PHE B 70 2.16 5.74 -4.50
C PHE B 70 1.54 5.22 -5.79
N ALA B 71 2.01 4.06 -6.29
CA ALA B 71 1.38 3.46 -7.47
C ALA B 71 -0.03 2.95 -7.16
N LEU B 72 -0.21 2.31 -6.00
CA LEU B 72 -1.54 1.82 -5.64
C LEU B 72 -2.51 2.97 -5.48
N ASP B 73 -2.05 4.09 -4.92
CA ASP B 73 -2.86 5.29 -4.86
C ASP B 73 -3.31 5.71 -6.26
N ARG B 74 -2.38 5.77 -7.21
CA ARG B 74 -2.77 6.16 -8.58
C ARG B 74 -3.72 5.13 -9.18
N ALA B 75 -3.46 3.83 -8.98
CA ALA B 75 -4.37 2.84 -9.52
C ALA B 75 -5.79 3.09 -9.02
N GLY B 76 -5.94 3.51 -7.77
CA GLY B 76 -7.28 3.80 -7.28
C GLY B 76 -7.94 4.99 -7.95
N ALA B 77 -7.20 5.79 -8.73
CA ALA B 77 -7.71 7.01 -9.34
C ALA B 77 -7.95 6.87 -10.84
N VAL B 78 -7.81 5.67 -11.40
CA VAL B 78 -7.93 5.53 -12.86
C VAL B 78 -9.29 6.02 -13.33
N HIS B 79 -10.38 5.60 -12.66
CA HIS B 79 -11.70 6.01 -13.14
C HIS B 79 -11.88 7.51 -13.04
N THR B 80 -11.28 8.14 -12.04
CA THR B 80 -11.33 9.60 -11.97
C THR B 80 -10.56 10.23 -13.13
N ILE B 81 -9.33 9.76 -13.38
CA ILE B 81 -8.55 10.31 -14.49
C ILE B 81 -9.31 10.14 -15.80
N GLN B 82 -9.86 8.94 -16.04
CA GLN B 82 -10.56 8.70 -17.29
C GLN B 82 -11.85 9.50 -17.34
N GLY B 83 -12.57 9.64 -16.23
CA GLY B 83 -13.80 10.42 -16.26
C GLY B 83 -13.55 11.89 -16.51
N LEU B 84 -12.50 12.44 -15.90
CA LEU B 84 -12.14 13.83 -16.13
C LEU B 84 -11.75 14.06 -17.59
N CYS B 85 -10.97 13.13 -18.16
CA CYS B 85 -10.58 13.29 -19.56
C CYS B 85 -11.79 13.23 -20.48
N ARG B 86 -12.85 12.51 -20.09
CA ARG B 86 -14.07 12.51 -20.91
C ARG B 86 -14.78 13.85 -20.80
N GLY B 87 -14.84 14.43 -19.61
CA GLY B 87 -15.63 15.64 -19.43
C GLY B 87 -14.92 16.96 -19.65
N TYR B 88 -13.59 16.97 -19.80
CA TYR B 88 -12.86 18.22 -19.90
C TYR B 88 -11.87 18.15 -21.05
N ASP B 89 -11.68 19.29 -21.72
CA ASP B 89 -10.71 19.35 -22.81
C ASP B 89 -9.30 19.03 -22.31
N VAL B 90 -8.94 19.53 -21.14
CA VAL B 90 -7.58 19.41 -20.62
C VAL B 90 -7.66 18.98 -19.16
N VAL B 91 -6.88 17.95 -18.81
CA VAL B 91 -6.73 17.51 -17.43
C VAL B 91 -5.26 17.66 -17.05
N ILE B 92 -5.01 18.41 -15.97
CA ILE B 92 -3.65 18.73 -15.53
C ILE B 92 -3.40 18.05 -14.19
N LEU B 93 -2.37 17.22 -14.13
CA LEU B 93 -1.98 16.50 -12.93
C LEU B 93 -0.80 17.19 -12.26
N ASP B 94 -0.91 17.42 -10.95
CA ASP B 94 0.25 17.87 -10.15
C ASP B 94 0.94 16.62 -9.61
N ARG B 95 2.03 16.22 -10.28
CA ARG B 95 2.74 14.97 -10.03
C ARG B 95 1.99 13.80 -10.63
N TYR B 96 2.74 12.86 -11.22
CA TYR B 96 2.15 11.66 -11.80
C TYR B 96 3.21 10.56 -11.76
N VAL B 97 3.17 9.63 -12.72
CA VAL B 97 4.01 8.44 -12.63
C VAL B 97 5.50 8.82 -12.62
N ALA B 98 5.89 9.85 -13.37
CA ALA B 98 7.33 10.17 -13.46
C ALA B 98 7.88 10.60 -12.12
N SER B 99 7.05 11.20 -11.26
CA SER B 99 7.48 11.47 -9.89
C SER B 99 8.02 10.22 -9.23
N ASN B 100 7.31 9.10 -9.42
CA ASN B 100 7.72 7.84 -8.80
C ASN B 100 9.04 7.35 -9.39
N ALA B 101 9.22 7.49 -10.71
CA ALA B 101 10.46 7.06 -11.33
C ALA B 101 11.63 7.91 -10.84
N ALA B 102 11.43 9.23 -10.77
CA ALA B 102 12.55 10.13 -10.47
C ALA B 102 13.00 9.97 -9.01
N TYR B 103 12.06 10.02 -8.07
CA TYR B 103 12.43 9.91 -6.66
C TYR B 103 12.96 8.51 -6.33
N SER B 104 12.38 7.47 -6.90
CA SER B 104 12.82 6.13 -6.55
C SER B 104 14.23 5.88 -7.05
N ALA B 105 14.51 6.20 -8.32
CA ALA B 105 15.87 6.07 -8.81
C ALA B 105 16.82 6.89 -7.95
N ALA B 106 16.45 8.12 -7.61
CA ALA B 106 17.37 9.00 -6.89
C ALA B 106 17.66 8.46 -5.50
N ARG B 107 16.64 7.92 -4.82
CA ARG B 107 16.87 7.36 -3.49
C ARG B 107 17.83 6.19 -3.54
N LEU B 108 17.86 5.48 -4.66
CA LEU B 108 18.74 4.32 -4.83
C LEU B 108 20.04 4.67 -5.53
N HIS B 109 20.29 5.95 -5.80
CA HIS B 109 21.51 6.38 -6.49
C HIS B 109 21.61 5.71 -7.86
N GLU B 110 20.47 5.60 -8.55
CA GLU B 110 20.39 5.09 -9.91
C GLU B 110 20.08 6.25 -10.84
N ASN B 111 20.24 6.03 -12.16
CA ASN B 111 19.86 7.01 -13.16
C ASN B 111 18.60 6.53 -13.89
N ALA B 112 18.15 7.35 -14.86
CA ALA B 112 16.87 7.09 -15.52
C ALA B 112 16.87 5.77 -16.29
N ALA B 113 18.05 5.25 -16.63
CA ALA B 113 18.15 4.00 -17.36
C ALA B 113 18.23 2.79 -16.43
N GLY B 114 18.05 2.99 -15.13
CA GLY B 114 18.28 1.93 -14.16
C GLY B 114 17.04 1.12 -13.83
N LYS B 115 17.19 0.25 -12.84
CA LYS B 115 16.17 -0.74 -12.54
C LYS B 115 14.90 -0.11 -12.00
N ALA B 116 15.03 0.84 -11.06
CA ALA B 116 13.84 1.39 -10.41
C ALA B 116 12.93 2.08 -11.42
N ALA B 117 13.50 2.93 -12.28
CA ALA B 117 12.67 3.64 -13.25
C ALA B 117 12.00 2.68 -14.22
N ALA B 118 12.72 1.64 -14.65
CA ALA B 118 12.06 0.62 -15.47
C ALA B 118 10.96 -0.10 -14.68
N TRP B 119 11.20 -0.39 -13.39
CA TRP B 119 10.17 -1.06 -12.60
C TRP B 119 8.92 -0.20 -12.49
N VAL B 120 9.09 1.10 -12.23
CA VAL B 120 7.95 2.02 -12.16
C VAL B 120 7.14 1.98 -13.45
N GLN B 121 7.83 2.04 -14.59
CA GLN B 121 7.11 2.04 -15.87
C GLN B 121 6.34 0.74 -16.06
N ARG B 122 6.96 -0.40 -15.74
CA ARG B 122 6.31 -1.69 -15.89
C ARG B 122 5.09 -1.81 -14.98
N ILE B 123 5.24 -1.46 -13.70
CA ILE B 123 4.14 -1.71 -12.75
C ILE B 123 3.01 -0.72 -12.95
N GLU B 124 3.32 0.55 -13.21
CA GLU B 124 2.25 1.55 -13.28
C GLU B 124 1.56 1.58 -14.65
N PHE B 125 2.34 1.62 -15.74
CA PHE B 125 1.74 1.74 -17.08
C PHE B 125 1.26 0.38 -17.59
N ALA B 126 2.13 -0.64 -17.56
CA ALA B 126 1.77 -1.94 -18.10
C ALA B 126 0.85 -2.71 -17.15
N ARG B 127 1.28 -2.91 -15.90
CA ARG B 127 0.53 -3.82 -15.02
C ARG B 127 -0.74 -3.16 -14.49
N LEU B 128 -0.64 -1.95 -13.93
CA LEU B 128 -1.81 -1.29 -13.38
C LEU B 128 -2.60 -0.47 -14.41
N GLY B 129 -2.08 -0.27 -15.62
CA GLY B 129 -2.87 0.36 -16.67
C GLY B 129 -3.18 1.84 -16.47
N LEU B 130 -2.31 2.59 -15.80
CA LEU B 130 -2.48 4.04 -15.75
C LEU B 130 -2.38 4.65 -17.15
N PRO B 131 -3.23 5.59 -17.50
CA PRO B 131 -3.12 6.22 -18.83
C PRO B 131 -1.83 7.02 -18.93
N LYS B 132 -1.19 6.92 -20.10
CA LYS B 132 0.01 7.68 -20.38
C LYS B 132 -0.34 9.15 -20.60
N PRO B 133 0.44 10.08 -20.05
CA PRO B 133 0.15 11.50 -20.27
C PRO B 133 0.54 11.91 -21.68
N ASP B 134 -0.24 12.83 -22.26
CA ASP B 134 0.15 13.36 -23.57
C ASP B 134 1.36 14.27 -23.46
N TRP B 135 1.50 15.00 -22.36
CA TRP B 135 2.65 15.86 -22.10
C TRP B 135 3.08 15.67 -20.66
N GLN B 136 4.38 15.68 -20.45
CA GLN B 136 4.97 15.82 -19.13
C GLN B 136 5.82 17.06 -19.13
N VAL B 137 5.51 17.99 -18.24
CA VAL B 137 6.15 19.29 -18.19
C VAL B 137 7.05 19.32 -16.96
N LEU B 138 8.36 19.41 -17.18
CA LEU B 138 9.32 19.45 -16.09
C LEU B 138 9.54 20.92 -15.74
N LEU B 139 9.15 21.30 -14.53
CA LEU B 139 9.40 22.65 -14.01
C LEU B 139 10.74 22.62 -13.31
N ALA B 140 11.77 23.18 -13.95
CA ALA B 140 13.13 23.11 -13.46
C ALA B 140 13.51 24.48 -12.92
N VAL B 141 13.72 24.58 -11.61
CA VAL B 141 14.12 25.81 -10.96
C VAL B 141 15.48 25.59 -10.30
N SER B 142 16.06 26.70 -9.83
CA SER B 142 17.36 26.63 -9.18
C SER B 142 17.28 25.77 -7.93
N ALA B 143 18.37 25.03 -7.66
CA ALA B 143 18.45 24.23 -6.45
C ALA B 143 18.19 25.07 -5.20
N GLU B 144 18.63 26.32 -5.20
CA GLU B 144 18.48 27.17 -4.02
C GLU B 144 17.00 27.47 -3.75
N LEU B 145 16.27 27.89 -4.78
CA LEU B 145 14.87 28.23 -4.56
C LEU B 145 14.07 27.03 -4.11
N ALA B 146 14.28 25.88 -4.76
CA ALA B 146 13.56 24.68 -4.35
C ALA B 146 13.87 24.33 -2.90
N GLY B 147 15.13 24.52 -2.50
CA GLY B 147 15.50 24.20 -1.13
C GLY B 147 14.79 25.05 -0.09
N GLU B 148 14.58 26.34 -0.40
CA GLU B 148 13.91 27.22 0.54
C GLU B 148 12.38 26.99 0.58
N ARG B 149 11.79 26.56 -0.52
CA ARG B 149 10.35 26.38 -0.59
C ARG B 149 9.92 24.99 -0.13
N SER B 150 10.74 23.96 -0.37
CA SER B 150 10.40 22.62 0.07
C SER B 150 10.22 22.59 1.58
N ARG B 151 9.25 21.79 2.04
CA ARG B 151 9.07 21.55 3.47
C ARG B 151 9.73 20.24 3.93
N GLY B 152 10.49 19.59 3.04
CA GLY B 152 11.16 18.36 3.41
C GLY B 152 10.26 17.15 3.25
N ARG B 153 10.79 15.98 3.64
CA ARG B 153 9.99 14.77 3.44
C ARG B 153 8.84 14.68 4.44
N ALA B 154 8.89 15.41 5.54
CA ALA B 154 7.85 15.39 6.58
C ALA B 154 7.09 16.72 6.52
N GLN B 155 6.24 16.85 5.51
CA GLN B 155 5.66 18.15 5.17
C GLN B 155 4.60 18.63 6.15
N ARG B 156 4.15 17.80 7.09
CA ARG B 156 3.24 18.30 8.12
C ARG B 156 3.94 19.11 9.18
N ASP B 157 5.26 18.89 9.37
CA ASP B 157 5.95 19.47 10.53
C ASP B 157 6.24 20.95 10.30
N PRO B 158 6.14 21.77 11.33
CA PRO B 158 6.56 23.17 11.18
C PRO B 158 8.02 23.25 10.77
N GLY B 159 8.37 24.35 10.11
CA GLY B 159 9.74 24.53 9.64
C GLY B 159 10.78 24.35 10.73
N ARG B 160 10.51 24.85 11.94
CA ARG B 160 11.47 24.79 13.03
C ARG B 160 11.87 23.36 13.40
N ALA B 161 11.22 22.33 12.85
CA ALA B 161 11.47 20.94 13.24
C ALA B 161 12.27 20.16 12.19
N ARG B 162 12.72 20.80 11.12
CA ARG B 162 13.53 20.10 10.12
C ARG B 162 14.96 19.92 10.62
N ASP B 163 15.47 18.69 10.53
CA ASP B 163 16.84 18.39 10.95
C ASP B 163 17.61 17.52 9.97
N ASN B 164 17.04 17.17 8.82
CA ASN B 164 17.73 16.40 7.79
C ASN B 164 18.03 17.27 6.56
N TYR B 165 18.36 18.54 6.78
CA TYR B 165 18.52 19.45 5.66
C TYR B 165 19.50 18.92 4.62
N GLU B 166 20.48 18.13 5.05
CA GLU B 166 21.53 17.68 4.13
C GLU B 166 21.07 16.47 3.30
N ARG B 167 20.54 15.43 3.94
CA ARG B 167 20.05 14.28 3.19
C ARG B 167 19.01 14.69 2.15
N ASP B 168 18.07 15.54 2.56
CA ASP B 168 16.99 15.94 1.67
C ASP B 168 17.52 16.78 0.51
N ALA B 169 18.47 17.69 0.79
CA ALA B 169 19.01 18.51 -0.27
C ALA B 169 19.78 17.68 -1.28
N GLU B 170 20.55 16.70 -0.83
CA GLU B 170 21.25 15.83 -1.76
C GLU B 170 20.27 15.00 -2.59
N LEU B 171 19.22 14.45 -1.94
CA LEU B 171 18.24 13.68 -2.68
C LEU B 171 17.55 14.52 -3.74
N GLN B 172 17.22 15.78 -3.42
CA GLN B 172 16.57 16.65 -4.39
C GLN B 172 17.46 16.89 -5.60
N GLN B 173 18.77 17.05 -5.37
CA GLN B 173 19.71 17.22 -6.48
C GLN B 173 19.70 16.00 -7.39
N ARG B 174 19.86 14.80 -6.81
CA ARG B 174 19.82 13.59 -7.60
C ARG B 174 18.48 13.44 -8.32
N THR B 175 17.38 13.77 -7.63
CA THR B 175 16.06 13.66 -8.27
C THR B 175 15.93 14.62 -9.44
N GLY B 176 16.48 15.83 -9.31
CA GLY B 176 16.46 16.76 -10.43
C GLY B 176 17.20 16.19 -11.64
N ALA B 177 18.33 15.52 -11.40
CA ALA B 177 19.10 14.96 -12.49
C ALA B 177 18.37 13.80 -13.16
N VAL B 178 17.71 12.94 -12.39
CA VAL B 178 16.95 11.85 -13.01
C VAL B 178 15.82 12.42 -13.85
N TYR B 179 15.06 13.37 -13.30
CA TYR B 179 14.01 14.04 -14.05
C TYR B 179 14.52 14.51 -15.41
N ALA B 180 15.69 15.17 -15.42
CA ALA B 180 16.22 15.69 -16.67
C ALA B 180 16.53 14.57 -17.64
N GLU B 181 17.04 13.44 -17.12
CA GLU B 181 17.26 12.30 -17.99
C GLU B 181 15.94 11.73 -18.48
N LEU B 182 14.93 11.68 -17.61
CA LEU B 182 13.62 11.20 -18.04
C LEU B 182 13.09 12.06 -19.18
N ALA B 183 13.17 13.37 -19.03
CA ALA B 183 12.67 14.25 -20.07
C ALA B 183 13.46 14.07 -21.36
N ALA B 184 14.79 14.01 -21.27
CA ALA B 184 15.59 13.91 -22.48
C ALA B 184 15.26 12.66 -23.28
N GLN B 185 14.86 11.58 -22.61
CA GLN B 185 14.66 10.32 -23.32
C GLN B 185 13.20 10.06 -23.68
N GLY B 186 12.32 11.03 -23.46
CA GLY B 186 10.91 10.83 -23.77
C GLY B 186 10.24 9.76 -22.94
N TRP B 187 10.65 9.62 -21.69
CA TRP B 187 10.12 8.55 -20.85
C TRP B 187 8.62 8.72 -20.67
N GLY B 188 7.85 7.74 -21.15
CA GLY B 188 6.41 7.80 -21.05
C GLY B 188 5.72 8.73 -22.03
N GLY B 189 6.44 9.39 -22.93
CA GLY B 189 5.84 10.30 -23.88
C GLY B 189 6.65 11.58 -23.97
N ARG B 190 6.04 12.58 -24.61
CA ARG B 190 6.70 13.85 -24.88
C ARG B 190 6.90 14.66 -23.60
N TRP B 191 8.04 15.33 -23.50
CA TRP B 191 8.35 16.23 -22.38
C TRP B 191 8.63 17.63 -22.89
N LEU B 192 8.33 18.61 -22.05
CA LEU B 192 8.74 20.00 -22.20
C LEU B 192 9.39 20.45 -20.89
N VAL B 193 10.50 21.16 -20.98
CA VAL B 193 11.19 21.67 -19.80
C VAL B 193 11.03 23.18 -19.76
N VAL B 194 10.45 23.70 -18.66
CA VAL B 194 10.11 25.11 -18.54
C VAL B 194 10.66 25.65 -17.24
N GLY B 195 10.73 26.98 -17.17
CA GLY B 195 11.10 27.70 -15.96
C GLY B 195 9.94 28.34 -15.23
N ALA B 196 10.27 28.97 -14.10
CA ALA B 196 9.27 29.62 -13.26
C ALA B 196 8.55 30.74 -14.00
N ASP B 197 9.23 31.44 -14.90
CA ASP B 197 8.65 32.61 -15.55
C ASP B 197 8.05 32.29 -16.92
N VAL B 198 7.78 31.03 -17.23
CA VAL B 198 7.19 30.71 -18.52
C VAL B 198 5.87 31.44 -18.68
N ASP B 199 5.66 32.04 -19.85
CA ASP B 199 4.39 32.71 -20.13
C ASP B 199 3.26 31.69 -20.27
N PRO B 200 2.16 31.81 -19.50
CA PRO B 200 1.12 30.78 -19.59
C PRO B 200 0.43 30.73 -20.95
N GLY B 201 0.10 31.88 -21.53
CA GLY B 201 -0.54 31.88 -22.83
C GLY B 201 0.26 31.13 -23.87
N ARG B 202 1.55 31.44 -23.98
CA ARG B 202 2.40 30.79 -24.98
C ARG B 202 2.65 29.33 -24.63
N LEU B 203 2.72 28.98 -23.34
CA LEU B 203 2.87 27.58 -22.97
C LEU B 203 1.62 26.79 -23.36
N ALA B 204 0.44 27.31 -23.08
CA ALA B 204 -0.78 26.64 -23.50
C ALA B 204 -0.83 26.48 -25.02
N ALA B 205 -0.42 27.50 -25.76
CA ALA B 205 -0.40 27.41 -27.22
C ALA B 205 0.54 26.31 -27.70
N THR B 206 1.68 26.14 -27.04
CA THR B 206 2.63 25.10 -27.42
C THR B 206 2.08 23.71 -27.10
N LEU B 207 1.45 23.56 -25.94
CA LEU B 207 0.95 22.24 -25.54
C LEU B 207 -0.24 21.81 -26.40
N ALA B 208 -1.15 22.74 -26.73
CA ALA B 208 -2.34 22.44 -27.52
C ALA B 208 -2.47 23.47 -28.61
N PRO B 209 -1.68 23.35 -29.67
CA PRO B 209 -1.71 24.35 -30.75
C PRO B 209 -3.11 24.50 -31.32
N PRO B 210 -3.57 25.73 -31.54
CA PRO B 210 -4.90 25.92 -32.14
C PRO B 210 -4.96 25.29 -33.53
N ASP B 211 -6.17 24.88 -33.90
CA ASP B 211 -6.42 24.26 -35.20
C ASP B 211 -6.42 25.30 -36.31
O2 95W C . -1.38 -11.08 7.50
C21 95W C . -0.57 -11.96 7.19
C1 95W C . -0.91 -13.24 6.60
C 95W C . -2.35 -13.52 6.27
N3 95W C . 0.77 -11.77 7.44
C20 95W C . 1.80 -12.64 7.18
O1 95W C . 2.97 -12.35 7.38
N 95W C . 1.40 -13.84 6.63
C2 95W C . 0.08 -14.11 6.37
C3 95W C . 2.47 -14.77 6.21
C19 95W C . 2.05 -16.23 6.39
C18 95W C . 3.17 -17.16 5.91
N1 95W C . 3.52 -16.89 4.51
C5 95W C . 3.97 -15.48 4.36
C4 95W C . 2.88 -14.52 4.77
C6 95W C . 4.53 -17.82 3.99
C7 95W C . 5.77 -17.99 4.84
N2 95W C . 6.46 -16.87 5.14
C11 95W C . 7.51 -16.99 5.94
C10 95W C . 7.97 -18.19 6.46
C9 95W C . 7.25 -19.34 6.14
C8 95W C . 6.14 -19.24 5.33
O 95W C . 8.21 -15.87 6.32
C12 95W C . 7.80 -14.60 5.91
C17 95W C . 6.66 -14.08 6.50
C16 95W C . 6.28 -12.77 6.23
C15 95W C . 7.04 -12.00 5.38
C14 95W C . 8.17 -12.53 4.78
C13 95W C . 8.56 -13.84 5.04
H1 95W C . -2.46 -14.45 5.73
H2 95W C . -2.81 -12.73 5.67
H3 95W C . -2.93 -13.60 7.19
H 95W C . 1.04 -10.88 7.86
H4 95W C . -0.13 -15.09 5.94
H5 95W C . 3.33 -14.61 6.85
H22 95W C . 1.77 -16.48 7.41
H23 95W C . 1.14 -16.43 5.83
H21 95W C . 4.07 -17.04 6.53
H20 95W C . 2.89 -18.21 6.02
H9 95W C . 4.30 -15.32 3.34
H8 95W C . 4.88 -15.34 4.97
H7 95W C . 2.07 -14.56 4.05
H6 95W C . 3.24 -13.50 4.67
H11 95W C . 4.13 -18.83 3.80
H10 95W C . 4.93 -17.53 3.02
H14 95W C . 8.87 -18.23 7.08
H13 95W C . 7.56 -20.30 6.53
H12 95W C . 5.57 -20.13 5.07
H19 95W C . 6.06 -14.70 7.18
H18 95W C . 5.39 -12.37 6.70
H17 95W C . 6.74 -10.97 5.17
H16 95W C . 8.76 -11.92 4.10
H15 95W C . 9.44 -14.24 4.56
CL CL D . -4.85 -33.14 19.30
CL CL E . -21.06 -12.47 12.76
CL CL F . 3.54 3.64 14.03
O2 95W G . 4.48 8.88 -7.00
C21 95W G . 5.09 9.61 -6.20
C1 95W G . 4.61 10.90 -5.75
C 95W G . 3.27 11.39 -6.22
N3 95W G . 6.31 9.22 -5.70
C20 95W G . 7.10 9.91 -4.82
O1 95W G . 8.15 9.45 -4.37
N 95W G . 6.60 11.13 -4.43
C2 95W G . 5.38 11.59 -4.90
C3 95W G . 7.35 11.91 -3.43
C19 95W G . 6.76 11.75 -2.04
C18 95W G . 7.55 12.58 -1.04
N1 95W G . 7.58 13.99 -1.43
C5 95W G . 8.22 14.12 -2.74
C4 95W G . 7.43 13.37 -3.80
C6 95W G . 8.23 14.83 -0.41
C7 95W G . 9.74 14.74 -0.32
N2 95W G . 10.26 13.51 -0.17
C11 95W G . 11.57 13.41 0.03
C10 95W G . 12.43 14.51 0.14
C9 95W G . 11.88 15.76 -0.05
C8 95W G . 10.52 15.89 -0.28
O 95W G . 12.15 12.18 0.17
C12 95W G . 11.39 11.02 0.01
C17 95W G . 10.80 10.81 -1.23
C16 95W G . 10.13 9.62 -1.47
C15 95W G . 10.04 8.66 -0.49
C14 95W G . 10.63 8.88 0.75
C13 95W G . 11.31 10.06 1.00
H1 95W G . 2.87 12.15 -5.55
H2 95W G . 2.54 10.58 -6.29
H3 95W G . 3.36 11.84 -7.20
H 95W G . 6.68 8.32 -6.02
H4 95W G . 5.08 12.57 -4.54
H5 95W G . 8.37 11.52 -3.40
H22 95W G . 6.72 10.71 -1.70
H23 95W G . 5.72 12.06 -2.04
H21 95W G . 8.57 12.21 -0.93
H20 95W G . 7.13 12.50 -0.03
H9 95W G . 9.25 13.77 -2.69
H8 95W G . 8.31 15.19 -2.99
H7 95W G . 6.46 13.85 -3.94
H6 95W G . 7.90 13.49 -4.78
H11 95W G . 7.99 15.89 -0.52
H10 95W G . 7.90 14.61 0.60
H14 95W G . 13.49 14.37 0.35
H13 95W G . 12.51 16.64 -0.01
H12 95W G . 10.08 16.87 -0.43
H19 95W G . 10.86 11.58 -2.00
H18 95W G . 9.68 9.46 -2.44
H17 95W G . 9.52 7.73 -0.68
H16 95W G . 10.56 8.12 1.52
H15 95W G . 11.76 10.22 1.97
CL CL H . 6.28 22.23 -5.90
CL CL I . -13.16 24.79 -16.95
CL CL J . 16.16 8.42 1.24
CL CL K . 0.65 14.87 4.54
#